data_3NXO
#
_entry.id   3NXO
#
_cell.length_a   84.150
_cell.length_b   84.150
_cell.length_c   77.968
_cell.angle_alpha   90.00
_cell.angle_beta   90.00
_cell.angle_gamma   120.00
#
_symmetry.space_group_name_H-M   'H 3'
#
loop_
_entity.id
_entity.type
_entity.pdbx_description
1 polymer 'Dihydrofolate reductase'
2 non-polymer 5-[(1Z)-2-(2-methoxyphenyl)-3-methylbut-1-en-1-yl]furo[2,3-d]pyrimidine-2,4-diamine
3 non-polymer 'SULFATE ION'
4 non-polymer 'NADPH DIHYDRO-NICOTINAMIDE-ADENINE-DINUCLEOTIDE PHOSPHATE'
5 water water
#
_entity_poly.entity_id   1
_entity_poly.type   'polypeptide(L)'
_entity_poly.pdbx_seq_one_letter_code
;VGSLNCIVAVSQNMGIGKNGDLPWPPLRNEFRYFQRMTTTSSVEGKQNLVIMGKKTWFSIPERNRPLKGRINLVLSRELK
EPPQGAHFLSRSLDDALKLTEQPELANKVDMVWIVGGSSVYKEAMNHPGHLKLFVTRIMQDFESDTFFPEIDLEKYKLLP
EYPGVLSDVQEEKGIKYKFEVYEKND
;
_entity_poly.pdbx_strand_id   A
#
# COMPACT_ATOMS: atom_id res chain seq x y z
N VAL A 1 -14.08 4.41 11.20
CA VAL A 1 -12.80 4.21 10.40
C VAL A 1 -12.89 5.13 9.20
N GLY A 2 -11.78 5.71 8.77
CA GLY A 2 -11.74 6.60 7.64
C GLY A 2 -11.52 5.89 6.28
N SER A 3 -10.81 6.60 5.40
CA SER A 3 -10.77 6.13 4.00
C SER A 3 -9.99 4.81 3.82
N LEU A 4 -10.27 4.14 2.70
CA LEU A 4 -9.54 2.93 2.25
C LEU A 4 -8.70 3.32 1.07
N ASN A 5 -7.45 2.92 1.05
CA ASN A 5 -6.43 3.38 0.07
C ASN A 5 -5.53 2.27 -0.26
N CYS A 6 -4.99 2.23 -1.47
CA CYS A 6 -3.79 1.40 -1.80
C CYS A 6 -2.67 2.31 -2.04
N ILE A 7 -1.42 1.92 -1.76
CA ILE A 7 -0.25 2.69 -2.11
C ILE A 7 0.75 1.71 -2.72
N VAL A 8 1.36 2.10 -3.85
CA VAL A 8 2.29 1.23 -4.62
C VAL A 8 3.27 2.12 -5.37
N ALA A 9 4.44 1.58 -5.65
CA ALA A 9 5.39 2.09 -6.67
C ALA A 9 5.50 1.05 -7.75
N VAL A 10 5.44 1.43 -9.01
CA VAL A 10 5.30 0.44 -10.10
C VAL A 10 6.10 0.86 -11.32
N SER A 11 6.89 -0.02 -11.91
CA SER A 11 7.64 0.35 -13.12
C SER A 11 6.68 0.46 -14.32
N GLN A 12 7.34 0.87 -15.45
CA GLN A 12 6.57 1.00 -16.67
C GLN A 12 5.97 -0.29 -17.23
N ASN A 13 6.66 -1.41 -16.93
CA ASN A 13 6.16 -2.71 -17.27
C ASN A 13 5.35 -3.33 -16.14
N MET A 14 4.82 -2.50 -15.25
CA MET A 14 3.86 -2.88 -14.18
C MET A 14 4.51 -3.69 -13.07
N GLY A 15 5.82 -3.66 -12.98
CA GLY A 15 6.48 -4.47 -11.95
C GLY A 15 6.41 -3.81 -10.61
N ILE A 16 6.27 -4.62 -9.56
CA ILE A 16 6.28 -4.12 -8.20
C ILE A 16 7.25 -4.90 -7.31
N GLY A 17 7.86 -5.95 -7.76
CA GLY A 17 8.77 -6.72 -6.92
C GLY A 17 9.58 -7.69 -7.76
N LYS A 18 10.73 -8.10 -7.19
CA LYS A 18 11.56 -9.15 -7.84
C LYS A 18 12.23 -9.84 -6.67
N ASN A 19 11.98 -11.13 -6.57
N ASN A 19 11.89 -11.12 -6.54
CA ASN A 19 12.76 -11.93 -5.59
CA ASN A 19 12.36 -11.98 -5.40
C ASN A 19 12.48 -11.36 -4.18
C ASN A 19 12.38 -11.37 -4.09
N GLY A 20 11.26 -10.83 -3.84
CA GLY A 20 10.97 -10.28 -2.53
C GLY A 20 11.58 -8.97 -2.25
N ASP A 21 12.08 -8.25 -3.23
CA ASP A 21 12.66 -6.93 -3.03
C ASP A 21 12.13 -6.04 -4.17
N LEU A 22 12.50 -4.79 -4.08
N LEU A 22 12.46 -4.77 -4.13
CA LEU A 22 12.11 -3.89 -5.15
CA LEU A 22 11.90 -3.95 -5.21
C LEU A 22 12.86 -4.17 -6.44
C LEU A 22 12.80 -3.73 -6.42
N PRO A 23 12.20 -3.93 -7.60
CA PRO A 23 12.89 -4.18 -8.91
C PRO A 23 14.00 -3.19 -9.18
N TRP A 24 13.91 -2.01 -8.59
CA TRP A 24 14.83 -0.86 -8.76
C TRP A 24 15.70 -0.68 -7.52
N PRO A 25 16.80 0.03 -7.68
CA PRO A 25 17.61 0.44 -6.53
C PRO A 25 16.83 1.25 -5.52
N PRO A 26 17.23 1.30 -4.29
CA PRO A 26 16.47 2.04 -3.30
C PRO A 26 16.37 3.51 -3.64
N LEU A 27 15.16 4.09 -3.51
CA LEU A 27 14.86 5.49 -3.81
C LEU A 27 14.45 6.12 -2.54
N ARG A 28 15.40 6.81 -1.89
CA ARG A 28 15.21 7.20 -0.51
C ARG A 28 14.00 8.12 -0.32
N ASN A 29 13.89 9.11 -1.20
CA ASN A 29 12.76 10.06 -1.06
C ASN A 29 11.42 9.43 -1.40
N GLU A 30 11.44 8.46 -2.29
CA GLU A 30 10.23 7.70 -2.62
C GLU A 30 9.77 6.96 -1.34
N PHE A 31 10.73 6.32 -0.63
CA PHE A 31 10.36 5.62 0.56
C PHE A 31 9.86 6.61 1.64
N ARG A 32 10.47 7.78 1.71
CA ARG A 32 10.00 8.78 2.66
C ARG A 32 8.55 9.22 2.39
N TYR A 33 8.19 9.30 1.09
CA TYR A 33 6.80 9.59 0.65
C TYR A 33 5.87 8.47 1.12
N PHE A 34 6.24 7.24 0.93
CA PHE A 34 5.46 6.11 1.40
C PHE A 34 5.26 6.20 2.94
N GLN A 35 6.34 6.49 3.66
CA GLN A 35 6.20 6.55 5.13
C GLN A 35 5.29 7.69 5.53
N ARG A 36 5.47 8.83 4.89
CA ARG A 36 4.64 9.97 5.24
C ARG A 36 3.15 9.79 4.95
N MET A 37 2.83 9.28 3.75
CA MET A 37 1.45 9.11 3.41
C MET A 37 0.74 8.09 4.25
N THR A 38 1.40 6.97 4.54
CA THR A 38 0.78 5.91 5.32
C THR A 38 0.66 6.28 6.83
N THR A 39 1.65 7.03 7.32
CA THR A 39 1.67 7.36 8.78
C THR A 39 0.78 8.51 9.14
N THR A 40 0.60 9.46 8.27
CA THR A 40 -0.05 10.75 8.68
C THR A 40 -1.56 10.54 8.76
N SER A 41 -2.08 10.73 9.98
CA SER A 41 -3.47 10.46 10.26
C SER A 41 -4.15 11.75 10.25
N SER A 42 -5.34 11.71 9.68
CA SER A 42 -6.13 12.92 9.58
C SER A 42 -6.88 13.30 10.92
N VAL A 43 -6.89 12.37 11.91
CA VAL A 43 -7.81 12.40 13.10
C VAL A 43 -7.07 12.29 14.46
N GLU A 44 -7.38 13.18 15.41
CA GLU A 44 -6.63 13.18 16.69
C GLU A 44 -6.88 11.92 17.45
N GLY A 45 -5.84 11.36 18.07
CA GLY A 45 -6.00 10.13 18.85
C GLY A 45 -6.14 8.82 18.10
N LYS A 46 -5.96 8.85 16.77
CA LYS A 46 -6.02 7.62 15.97
C LYS A 46 -4.69 7.43 15.23
N GLN A 47 -4.48 6.16 14.79
CA GLN A 47 -3.37 5.83 13.89
C GLN A 47 -4.04 5.23 12.66
N ASN A 48 -3.26 5.29 11.59
CA ASN A 48 -3.59 4.57 10.40
C ASN A 48 -3.26 3.07 10.53
N LEU A 49 -3.97 2.25 9.80
CA LEU A 49 -3.79 0.77 9.72
C LEU A 49 -3.17 0.44 8.36
N VAL A 50 -2.12 -0.36 8.40
CA VAL A 50 -1.55 -0.92 7.12
C VAL A 50 -1.94 -2.33 7.04
N ILE A 51 -2.40 -2.79 5.87
CA ILE A 51 -2.79 -4.13 5.66
C ILE A 51 -1.85 -4.67 4.55
N MET A 52 -1.29 -5.84 4.77
CA MET A 52 -0.33 -6.39 3.77
C MET A 52 -0.40 -7.88 3.77
N GLY A 53 -0.10 -8.51 2.66
CA GLY A 53 0.07 -10.01 2.65
C GLY A 53 1.33 -10.43 3.34
N LYS A 54 1.39 -11.72 3.52
CA LYS A 54 2.45 -12.31 4.32
C LYS A 54 3.87 -12.10 3.68
N LYS A 55 3.94 -12.31 2.33
CA LYS A 55 5.23 -12.08 1.68
C LYS A 55 5.68 -10.61 1.75
N THR A 56 4.72 -9.71 1.65
CA THR A 56 5.07 -8.28 1.84
C THR A 56 5.60 -7.99 3.22
N TRP A 57 4.90 -8.53 4.30
CA TRP A 57 5.44 -8.35 5.63
C TRP A 57 6.93 -8.75 5.73
N PHE A 58 7.17 -10.01 5.24
CA PHE A 58 8.53 -10.53 5.39
C PHE A 58 9.53 -9.89 4.43
N SER A 59 9.07 -9.08 3.49
N SER A 59 9.05 -9.12 3.45
CA SER A 59 10.00 -8.31 2.67
CA SER A 59 9.93 -8.28 2.61
C SER A 59 10.43 -7.02 3.36
C SER A 59 10.43 -7.05 3.36
N ILE A 60 9.82 -6.66 4.48
CA ILE A 60 10.28 -5.47 5.17
C ILE A 60 11.49 -6.00 6.01
N PRO A 61 12.63 -5.30 5.96
CA PRO A 61 13.78 -5.70 6.81
C PRO A 61 13.32 -5.94 8.25
N GLU A 62 13.83 -6.98 8.89
CA GLU A 62 13.30 -7.44 10.15
C GLU A 62 13.42 -6.43 11.25
N ARG A 63 14.39 -5.53 11.13
CA ARG A 63 14.38 -4.35 11.94
C ARG A 63 13.12 -3.80 11.36
N ASN A 64 13.03 -2.55 11.00
CA ASN A 64 12.01 -1.95 10.16
C ASN A 64 10.54 -2.40 10.36
N ARG A 65 10.36 -3.53 10.96
CA ARG A 65 9.04 -4.04 11.01
C ARG A 65 8.70 -4.25 12.52
N PRO A 66 7.56 -3.81 13.01
CA PRO A 66 6.45 -3.28 12.22
C PRO A 66 6.74 -1.88 11.70
N LEU A 67 5.97 -1.49 10.70
CA LEU A 67 6.03 -0.10 10.25
C LEU A 67 5.61 0.82 11.40
N LYS A 68 6.53 1.68 11.82
CA LYS A 68 6.29 2.39 13.08
C LYS A 68 5.16 3.38 12.96
N GLY A 69 4.43 3.58 14.04
CA GLY A 69 3.41 4.59 14.13
C GLY A 69 2.16 4.27 13.34
N ARG A 70 2.04 3.04 12.90
CA ARG A 70 0.87 2.49 12.25
C ARG A 70 0.50 1.17 12.83
N ILE A 71 -0.75 0.78 12.82
CA ILE A 71 -1.11 -0.55 13.23
C ILE A 71 -0.82 -1.47 12.08
N ASN A 72 -0.18 -2.60 12.33
CA ASN A 72 0.22 -3.48 11.20
C ASN A 72 -0.59 -4.75 11.21
N LEU A 73 -1.31 -5.06 10.15
CA LEU A 73 -2.13 -6.21 10.01
C LEU A 73 -1.66 -7.07 8.84
N VAL A 74 -1.46 -8.32 9.06
CA VAL A 74 -0.97 -9.24 8.02
C VAL A 74 -2.03 -10.19 7.60
N LEU A 75 -2.19 -10.49 6.32
CA LEU A 75 -3.15 -11.42 5.78
C LEU A 75 -2.48 -12.73 5.53
N SER A 76 -3.02 -13.81 6.06
CA SER A 76 -2.55 -15.16 5.77
C SER A 76 -3.62 -16.13 6.21
N ARG A 77 -3.72 -17.22 5.47
CA ARG A 77 -4.55 -18.41 5.89
C ARG A 77 -3.66 -19.49 6.48
N GLU A 78 -2.34 -19.46 6.28
CA GLU A 78 -1.45 -20.43 6.90
C GLU A 78 -1.05 -20.11 8.30
N LEU A 79 -0.70 -18.85 8.55
CA LEU A 79 -0.28 -18.45 9.87
C LEU A 79 -1.43 -18.65 10.85
N LYS A 80 -1.04 -18.96 12.04
CA LYS A 80 -2.06 -19.13 13.13
C LYS A 80 -2.07 -17.98 14.10
N GLU A 81 -1.06 -17.11 14.04
CA GLU A 81 -0.96 -15.92 14.92
C GLU A 81 -0.18 -14.82 14.16
N PRO A 82 -0.32 -13.57 14.54
CA PRO A 82 0.50 -12.54 13.88
C PRO A 82 1.99 -12.87 13.96
N PRO A 83 2.76 -12.60 12.89
CA PRO A 83 4.21 -12.73 12.96
C PRO A 83 4.84 -11.92 14.03
N GLN A 84 6.07 -12.27 14.45
CA GLN A 84 6.83 -11.49 15.32
C GLN A 84 6.85 -10.03 14.92
N GLY A 85 6.44 -9.13 15.82
CA GLY A 85 6.37 -7.68 15.56
C GLY A 85 5.06 -7.20 14.92
N ALA A 86 4.22 -8.03 14.38
CA ALA A 86 2.96 -7.59 13.79
C ALA A 86 1.92 -7.48 14.86
N HIS A 87 0.86 -6.78 14.56
CA HIS A 87 -0.24 -6.58 15.57
C HIS A 87 -1.41 -7.35 15.34
N PHE A 88 -1.84 -7.61 14.15
CA PHE A 88 -3.05 -8.31 13.83
C PHE A 88 -2.83 -9.32 12.70
N LEU A 89 -3.67 -10.33 12.56
CA LEU A 89 -3.72 -11.32 11.51
C LEU A 89 -5.12 -11.55 11.03
N SER A 90 -5.42 -11.53 9.77
CA SER A 90 -6.71 -11.86 9.25
C SER A 90 -6.58 -12.83 8.10
N ARG A 91 -7.62 -13.61 7.82
CA ARG A 91 -7.58 -14.66 6.82
C ARG A 91 -7.92 -14.10 5.47
N SER A 92 -8.56 -12.93 5.41
CA SER A 92 -9.04 -12.38 4.13
C SER A 92 -9.08 -10.87 4.29
N LEU A 93 -9.08 -10.16 3.18
CA LEU A 93 -9.27 -8.73 3.20
C LEU A 93 -10.63 -8.34 3.83
N ASP A 94 -11.68 -9.08 3.46
CA ASP A 94 -13.03 -8.79 3.98
C ASP A 94 -13.02 -8.89 5.47
N ASP A 95 -12.32 -9.93 5.97
CA ASP A 95 -12.20 -10.12 7.39
C ASP A 95 -11.45 -8.97 8.03
N ALA A 96 -10.32 -8.53 7.43
CA ALA A 96 -9.58 -7.41 8.03
C ALA A 96 -10.41 -6.15 8.13
N LEU A 97 -11.14 -5.90 7.05
CA LEU A 97 -11.97 -4.70 7.04
C LEU A 97 -13.11 -4.80 8.12
N LYS A 98 -13.75 -5.97 8.20
CA LYS A 98 -14.73 -6.26 9.29
C LYS A 98 -14.10 -6.02 10.64
N LEU A 99 -12.85 -6.48 10.85
CA LEU A 99 -12.17 -6.28 12.11
C LEU A 99 -11.99 -4.82 12.57
N THR A 100 -11.84 -3.92 11.59
CA THR A 100 -11.64 -2.50 11.91
C THR A 100 -12.86 -1.94 12.63
N GLU A 101 -14.02 -2.56 12.38
CA GLU A 101 -15.30 -2.22 13.06
C GLU A 101 -15.47 -2.86 14.45
N GLN A 102 -14.67 -3.85 14.82
CA GLN A 102 -14.76 -4.42 16.16
C GLN A 102 -14.41 -3.41 17.28
N PRO A 103 -14.99 -3.61 18.50
CA PRO A 103 -14.67 -2.76 19.64
C PRO A 103 -13.15 -2.55 19.84
N GLU A 104 -12.38 -3.58 19.56
CA GLU A 104 -10.94 -3.53 19.70
C GLU A 104 -10.25 -2.43 18.78
N LEU A 105 -10.84 -2.08 17.62
CA LEU A 105 -10.18 -1.18 16.63
C LEU A 105 -10.98 0.01 16.15
N ALA A 106 -12.29 -0.09 16.31
CA ALA A 106 -13.24 0.90 15.75
C ALA A 106 -12.94 2.38 16.03
N ASN A 107 -12.41 2.63 17.21
CA ASN A 107 -12.07 3.97 17.57
C ASN A 107 -10.59 4.30 17.55
N LYS A 108 -9.79 3.32 17.08
CA LYS A 108 -8.33 3.51 17.04
C LYS A 108 -7.79 3.81 15.66
N VAL A 109 -8.57 3.38 14.66
CA VAL A 109 -8.07 3.36 13.22
C VAL A 109 -8.64 4.59 12.48
N ASP A 110 -7.78 5.40 11.87
CA ASP A 110 -8.20 6.46 10.90
C ASP A 110 -8.20 5.81 9.46
N MET A 111 -7.10 6.09 8.71
CA MET A 111 -7.12 5.60 7.31
C MET A 111 -6.64 4.15 7.27
N VAL A 112 -7.09 3.42 6.26
CA VAL A 112 -6.65 2.03 6.00
C VAL A 112 -5.81 2.12 4.70
N TRP A 113 -4.57 1.61 4.76
CA TRP A 113 -3.61 1.59 3.63
C TRP A 113 -3.26 0.16 3.31
N ILE A 114 -3.58 -0.30 2.13
CA ILE A 114 -3.14 -1.60 1.62
C ILE A 114 -1.83 -1.36 0.93
N VAL A 115 -0.80 -2.04 1.45
CA VAL A 115 0.58 -1.81 1.04
C VAL A 115 1.20 -3.04 0.28
N GLY A 116 0.39 -3.96 -0.10
CA GLY A 116 0.89 -5.03 -1.00
C GLY A 116 0.55 -6.39 -0.52
N GLY A 117 0.63 -7.46 -1.29
CA GLY A 117 1.19 -7.50 -2.63
C GLY A 117 0.09 -7.59 -3.64
N SER A 118 0.48 -8.17 -4.77
N SER A 118 0.45 -8.16 -4.77
CA SER A 118 -0.38 -8.24 -5.94
CA SER A 118 -0.37 -8.19 -5.97
C SER A 118 -1.81 -8.58 -5.53
C SER A 118 -1.85 -8.67 -5.72
N SER A 119 -2.02 -9.79 -5.02
CA SER A 119 -3.37 -10.32 -4.85
C SER A 119 -4.24 -9.47 -3.91
N VAL A 120 -3.56 -8.85 -2.97
CA VAL A 120 -4.26 -7.97 -1.99
C VAL A 120 -4.74 -6.68 -2.76
N TYR A 121 -3.77 -6.12 -3.56
CA TYR A 121 -4.18 -4.98 -4.45
C TYR A 121 -5.32 -5.36 -5.35
N LYS A 122 -5.25 -6.56 -5.95
CA LYS A 122 -6.30 -6.91 -6.91
C LYS A 122 -7.71 -6.97 -6.27
N GLU A 123 -7.68 -7.60 -5.10
CA GLU A 123 -9.00 -7.72 -4.46
C GLU A 123 -9.54 -6.40 -3.99
N ALA A 124 -8.68 -5.59 -3.42
CA ALA A 124 -9.13 -4.24 -2.99
C ALA A 124 -9.68 -3.47 -4.22
N MET A 125 -8.94 -3.55 -5.32
CA MET A 125 -9.25 -2.71 -6.49
C MET A 125 -10.54 -3.08 -7.18
N ASN A 126 -11.03 -4.29 -6.93
CA ASN A 126 -12.20 -4.84 -7.64
C ASN A 126 -13.40 -4.95 -6.72
N HIS A 127 -13.25 -4.45 -5.51
CA HIS A 127 -14.29 -4.54 -4.47
C HIS A 127 -15.04 -3.22 -4.47
N PRO A 128 -16.37 -3.32 -4.55
CA PRO A 128 -17.16 -2.07 -4.59
C PRO A 128 -16.92 -1.13 -3.43
N GLY A 129 -17.00 0.16 -3.75
CA GLY A 129 -16.96 1.21 -2.74
C GLY A 129 -15.96 2.31 -3.09
N HIS A 130 -15.71 3.16 -2.13
CA HIS A 130 -14.88 4.36 -2.34
C HIS A 130 -13.47 3.98 -2.03
N LEU A 131 -12.59 4.12 -3.04
CA LEU A 131 -11.20 3.65 -2.85
C LEU A 131 -10.28 4.61 -3.61
N LYS A 132 -9.11 4.90 -3.05
CA LYS A 132 -8.08 5.69 -3.77
C LYS A 132 -6.84 4.86 -3.98
N LEU A 133 -6.15 5.07 -5.05
CA LEU A 133 -4.82 4.43 -5.33
C LEU A 133 -3.81 5.52 -5.39
N PHE A 134 -2.80 5.41 -4.60
CA PHE A 134 -1.62 6.30 -4.62
C PHE A 134 -0.50 5.60 -5.29
N VAL A 135 -0.27 5.98 -6.54
CA VAL A 135 0.60 5.19 -7.48
C VAL A 135 1.80 6.04 -7.82
N THR A 136 2.99 5.49 -7.53
CA THR A 136 4.26 6.13 -7.96
C THR A 136 4.63 5.44 -9.28
N ARG A 137 4.66 6.19 -10.35
CA ARG A 137 5.07 5.69 -11.68
C ARG A 137 6.56 5.81 -11.80
N ILE A 138 7.29 4.69 -11.69
CA ILE A 138 8.73 4.60 -11.99
C ILE A 138 8.87 4.48 -13.47
N MET A 139 9.42 5.53 -14.16
CA MET A 139 9.25 5.67 -15.64
C MET A 139 10.31 4.97 -16.45
N GLN A 140 10.73 3.80 -15.96
CA GLN A 140 11.69 2.91 -16.71
C GLN A 140 11.08 1.50 -16.59
N ASP A 141 11.51 0.60 -17.45
CA ASP A 141 11.30 -0.85 -17.26
C ASP A 141 12.28 -1.40 -16.31
N PHE A 142 11.74 -2.29 -15.44
CA PHE A 142 12.66 -3.11 -14.58
C PHE A 142 12.16 -4.54 -14.50
N GLU A 143 13.14 -5.47 -14.58
CA GLU A 143 12.81 -6.91 -14.50
C GLU A 143 12.15 -7.13 -13.11
N SER A 144 11.03 -7.83 -13.28
CA SER A 144 10.11 -8.05 -12.12
C SER A 144 9.65 -9.47 -12.15
N ASP A 145 9.14 -9.95 -10.99
CA ASP A 145 8.44 -11.22 -10.99
C ASP A 145 7.11 -11.12 -10.28
N THR A 146 6.66 -9.91 -9.97
CA THR A 146 5.33 -9.68 -9.37
C THR A 146 4.87 -8.31 -9.94
N PHE A 147 3.58 -8.21 -10.22
CA PHE A 147 3.08 -7.08 -11.01
C PHE A 147 1.83 -6.46 -10.36
N PHE A 148 1.67 -5.18 -10.61
CA PHE A 148 0.43 -4.49 -10.18
C PHE A 148 -0.73 -4.86 -11.07
N PRO A 149 -1.90 -5.06 -10.51
CA PRO A 149 -3.07 -5.37 -11.35
C PRO A 149 -3.42 -4.20 -12.26
N GLU A 150 -4.17 -4.52 -13.32
CA GLU A 150 -4.67 -3.50 -14.23
C GLU A 150 -5.52 -2.48 -13.48
N ILE A 151 -5.28 -1.21 -13.79
CA ILE A 151 -6.10 -0.13 -13.25
C ILE A 151 -7.18 0.20 -14.34
N ASP A 152 -8.42 -0.07 -14.04
CA ASP A 152 -9.54 0.19 -14.98
C ASP A 152 -9.86 1.66 -14.89
N LEU A 153 -9.45 2.41 -15.88
CA LEU A 153 -9.61 3.85 -15.89
C LEU A 153 -11.05 4.25 -16.20
N GLU A 154 -11.92 3.33 -16.57
N GLU A 154 -11.93 3.33 -16.53
CA GLU A 154 -13.35 3.66 -16.66
CA GLU A 154 -13.34 3.71 -16.59
C GLU A 154 -13.79 4.09 -15.22
C GLU A 154 -14.02 3.80 -15.23
N LYS A 155 -13.30 3.38 -14.17
CA LYS A 155 -13.75 3.58 -12.84
C LYS A 155 -12.76 4.41 -12.02
N TYR A 156 -11.48 4.22 -12.20
CA TYR A 156 -10.45 5.03 -11.45
C TYR A 156 -10.13 6.30 -12.19
N LYS A 157 -10.58 7.41 -11.62
CA LYS A 157 -10.18 8.72 -12.09
C LYS A 157 -8.74 8.97 -11.66
N LEU A 158 -7.94 9.55 -12.53
CA LEU A 158 -6.67 10.24 -12.18
C LEU A 158 -7.00 11.64 -11.70
N LEU A 159 -6.66 11.97 -10.47
CA LEU A 159 -7.00 13.28 -9.94
C LEU A 159 -5.96 14.30 -10.44
N PRO A 160 -6.45 15.58 -10.73
CA PRO A 160 -5.55 16.58 -11.33
C PRO A 160 -4.58 17.21 -10.38
N GLU A 161 -4.72 16.97 -9.07
CA GLU A 161 -3.68 17.22 -8.02
C GLU A 161 -4.32 16.73 -6.71
N TYR A 162 -3.43 16.74 -5.72
CA TYR A 162 -3.87 16.25 -4.43
C TYR A 162 -2.99 16.88 -3.41
N PRO A 163 -3.57 17.35 -2.26
CA PRO A 163 -2.71 18.00 -1.21
C PRO A 163 -1.69 17.08 -0.66
N GLY A 164 -0.46 17.64 -0.54
CA GLY A 164 0.62 16.78 -0.02
C GLY A 164 1.32 15.87 -1.00
N VAL A 165 0.92 15.95 -2.27
CA VAL A 165 1.52 15.09 -3.30
C VAL A 165 2.11 16.01 -4.30
N LEU A 166 3.45 15.92 -4.48
CA LEU A 166 4.05 16.72 -5.54
C LEU A 166 3.61 16.30 -6.92
N SER A 167 3.41 17.24 -7.84
CA SER A 167 2.87 16.92 -9.17
C SER A 167 3.94 16.80 -10.23
N ASP A 168 5.14 17.29 -9.97
CA ASP A 168 6.19 17.28 -11.01
C ASP A 168 7.04 16.01 -10.99
N VAL A 169 7.90 15.91 -11.97
CA VAL A 169 8.75 14.73 -12.09
C VAL A 169 9.85 14.75 -11.05
N GLN A 170 10.09 13.62 -10.41
CA GLN A 170 11.12 13.46 -9.38
C GLN A 170 12.19 12.60 -10.00
N GLU A 171 13.44 12.63 -9.43
CA GLU A 171 14.50 11.78 -9.90
C GLU A 171 15.44 11.47 -8.78
N GLU A 172 15.73 10.18 -8.63
CA GLU A 172 16.74 9.73 -7.66
C GLU A 172 17.51 8.60 -8.35
N LYS A 173 18.85 8.57 -8.16
CA LYS A 173 19.71 7.48 -8.73
C LYS A 173 19.53 7.40 -10.22
N GLY A 174 19.28 8.53 -10.85
CA GLY A 174 19.14 8.56 -12.30
C GLY A 174 17.78 8.02 -12.83
N ILE A 175 16.84 7.78 -11.87
CA ILE A 175 15.54 7.14 -12.16
C ILE A 175 14.46 8.24 -11.99
N LYS A 176 13.81 8.58 -13.09
CA LYS A 176 12.67 9.55 -13.00
C LYS A 176 11.39 8.83 -12.58
N TYR A 177 10.63 9.51 -11.75
CA TYR A 177 9.34 8.94 -11.33
C TYR A 177 8.37 10.07 -11.01
N LYS A 178 7.08 9.75 -10.90
CA LYS A 178 6.09 10.77 -10.58
C LYS A 178 4.99 10.18 -9.75
N PHE A 179 4.33 11.02 -9.00
CA PHE A 179 3.27 10.60 -8.07
C PHE A 179 1.91 10.83 -8.67
N GLU A 180 0.99 9.91 -8.56
CA GLU A 180 -0.40 10.01 -9.04
C GLU A 180 -1.32 9.56 -7.94
N VAL A 181 -2.57 10.08 -8.01
CA VAL A 181 -3.63 9.62 -7.14
C VAL A 181 -4.85 9.36 -8.00
N TYR A 182 -5.41 8.20 -7.86
CA TYR A 182 -6.66 7.77 -8.53
C TYR A 182 -7.74 7.62 -7.57
N GLU A 183 -8.98 7.80 -7.98
CA GLU A 183 -10.10 7.60 -7.09
C GLU A 183 -11.30 6.96 -7.80
N LYS A 184 -11.86 5.94 -7.23
CA LYS A 184 -13.13 5.35 -7.75
C LYS A 184 -14.18 5.44 -6.65
N ASN A 185 -15.43 5.37 -7.09
CA ASN A 185 -16.51 5.22 -6.04
C ASN A 185 -17.64 4.49 -6.73
N ASP A 186 -17.80 3.21 -6.41
CA ASP A 186 -18.79 2.35 -7.13
C ASP A 186 -19.38 1.39 -6.10
#